data_7GTS
#
_entry.id   7GTS
#
_cell.length_a   89.852
_cell.length_b   89.852
_cell.length_c   106.384
_cell.angle_alpha   90.000
_cell.angle_beta   90.000
_cell.angle_gamma   120.000
#
_symmetry.space_group_name_H-M   'P 31 2 1'
#
loop_
_entity.id
_entity.type
_entity.pdbx_description
1 polymer 'Tyrosine-protein phosphatase non-receptor type 1'
2 non-polymer 2-AMINO-2-HYDROXYMETHYL-PROPANE-1,3-DIOL
3 non-polymer N-(4-methoxyphenyl)glycinamide
4 water water
#
_entity_poly.entity_id   1
_entity_poly.type   'polypeptide(L)'
_entity_poly.pdbx_seq_one_letter_code
;MEMEKEFEQIDKSGSWAAIYQDIRHEASDFPSRVAKLPKNKNRNRYRDVSPFDHSRIKLHQEDNDYINASLIKMEEAQRS
YILTQGPLPNTVGHFWEMVWEQKSRGVVMLNRVMEKGSLKCAQYWPQKEEKEMIFEDTNLKLTLISEDIKSYYTVRQLEL
ENLTTQETREILHFHYTTWPDFGVPESPASFLNFLFKVRESGSLSPEHGPVVVHCSAGIGRSGTFCLADTCLLLMDKRKD
PSSVDIKKVLLEMRKFRMGLIQTADQLRFSYLAVIEGAKFIMGDSSVQDQWKELSHEDLEPPPEHIPPPPRPPKRILEPH
N
;
_entity_poly.pdbx_strand_id   A
#
loop_
_chem_comp.id
_chem_comp.type
_chem_comp.name
_chem_comp.formula
TRS non-polymer 2-AMINO-2-HYDROXYMETHYL-PROPANE-1,3-DIOL 'C4 H12 N O3 1'
WZY non-polymer N-(4-methoxyphenyl)glycinamide 'C9 H12 N2 O2'
#
# COMPACT_ATOMS: atom_id res chain seq x y z
N MET A 1 -22.17 -4.71 15.88
CA MET A 1 -23.18 -4.88 14.78
C MET A 1 -22.50 -5.59 13.60
N GLU A 2 -22.96 -6.78 13.21
CA GLU A 2 -22.57 -7.48 11.96
C GLU A 2 -22.47 -6.42 10.86
N MET A 3 -21.28 -6.26 10.27
CA MET A 3 -20.99 -5.23 9.25
C MET A 3 -21.93 -5.40 8.05
N GLU A 4 -22.34 -6.63 7.72
CA GLU A 4 -23.24 -6.99 6.57
C GLU A 4 -24.63 -6.35 6.75
N LYS A 5 -25.02 -6.07 7.99
CA LYS A 5 -26.33 -5.43 8.32
C LYS A 5 -26.11 -3.92 8.41
N GLU A 6 -25.01 -3.49 9.02
CA GLU A 6 -24.56 -2.08 8.97
C GLU A 6 -24.50 -1.63 7.50
N PHE A 7 -24.02 -2.50 6.60
CA PHE A 7 -23.85 -2.25 5.14
C PHE A 7 -25.21 -1.97 4.50
N GLU A 8 -26.14 -2.90 4.62
CA GLU A 8 -27.49 -2.82 4.01
C GLU A 8 -28.24 -1.59 4.56
N GLN A 9 -28.10 -1.30 5.85
CA GLN A 9 -28.67 -0.10 6.53
C GLN A 9 -28.13 1.20 5.91
N ILE A 10 -26.82 1.29 5.63
CA ILE A 10 -26.20 2.51 5.03
C ILE A 10 -26.63 2.60 3.54
N ASP A 11 -26.69 1.46 2.83
CA ASP A 11 -27.03 1.37 1.39
C ASP A 11 -28.48 1.85 1.21
N LYS A 12 -29.41 1.30 1.98
CA LYS A 12 -30.85 1.62 1.84
C LYS A 12 -31.09 3.08 2.23
N SER A 13 -30.33 3.61 3.19
CA SER A 13 -30.44 5.04 3.63
C SER A 13 -29.57 5.96 2.77
N GLY A 14 -28.77 5.43 1.82
CA GLY A 14 -27.79 6.20 1.03
C GLY A 14 -27.01 7.19 1.88
N SER A 15 -26.35 6.74 2.95
CA SER A 15 -25.60 7.63 3.88
C SER A 15 -24.08 7.42 3.81
N TRP A 16 -23.53 6.90 2.70
CA TRP A 16 -22.07 6.61 2.60
C TRP A 16 -21.29 7.93 2.78
N ALA A 17 -21.73 9.01 2.12
CA ALA A 17 -21.05 10.32 2.19
C ALA A 17 -21.03 10.82 3.65
N ALA A 18 -22.09 10.54 4.40
CA ALA A 18 -22.23 10.97 5.81
C ALA A 18 -21.28 10.18 6.73
N ILE A 19 -21.27 8.84 6.64
CA ILE A 19 -20.31 7.97 7.38
C ILE A 19 -18.88 8.47 7.08
N TYR A 20 -18.56 8.68 5.79
CA TYR A 20 -17.17 8.99 5.35
C TYR A 20 -16.74 10.31 6.00
N GLN A 21 -17.59 11.35 5.96
CA GLN A 21 -17.23 12.65 6.58
C GLN A 21 -17.02 12.50 8.09
N ASP A 22 -17.78 11.64 8.78
CA ASP A 22 -17.60 11.35 10.24
C ASP A 22 -16.18 10.83 10.50
N ILE A 23 -15.71 9.88 9.68
CA ILE A 23 -14.30 9.38 9.77
C ILE A 23 -13.34 10.55 9.55
N ARG A 24 -13.55 11.37 8.51
CA ARG A 24 -12.61 12.47 8.20
C ARG A 24 -12.52 13.37 9.44
N HIS A 25 -13.65 13.61 10.12
CA HIS A 25 -13.73 14.56 11.25
C HIS A 25 -12.97 14.02 12.48
N GLU A 26 -13.08 12.72 12.76
CA GLU A 26 -12.49 12.05 13.96
C GLU A 26 -11.02 11.63 13.74
N ALA A 27 -10.48 11.74 12.51
CA ALA A 27 -9.15 11.21 12.16
C ALA A 27 -8.09 11.99 12.91
N SER A 28 -6.97 11.35 13.21
CA SER A 28 -5.81 11.95 13.92
C SER A 28 -5.21 13.09 13.10
N ASP A 29 -4.61 14.05 13.80
CA ASP A 29 -3.79 15.11 13.16
C ASP A 29 -2.49 15.22 13.94
N PHE A 30 -1.38 14.88 13.30
CA PHE A 30 -0.04 14.86 13.90
C PHE A 30 0.82 15.74 13.01
N PRO A 31 1.92 16.29 13.53
CA PRO A 31 2.84 17.07 12.72
C PRO A 31 3.58 16.27 11.60
N SER A 32 3.83 16.97 10.49
CA SER A 32 4.61 16.52 9.30
C SER A 32 5.67 17.57 8.97
N ARG A 33 6.47 17.97 9.93
CA ARG A 33 7.42 19.10 9.78
C ARG A 33 8.55 18.70 8.83
N VAL A 34 9.10 17.49 8.92
CA VAL A 34 10.20 17.10 8.00
C VAL A 34 9.71 17.15 6.54
N ALA A 35 8.53 16.61 6.23
CA ALA A 35 7.95 16.61 4.85
C ALA A 35 7.92 18.02 4.28
N LYS A 36 7.70 19.05 5.11
CA LYS A 36 7.44 20.43 4.61
C LYS A 36 8.72 21.25 4.54
N LEU A 37 9.88 20.74 4.96
CA LEU A 37 11.16 21.50 4.82
C LEU A 37 11.42 21.83 3.35
N PRO A 38 11.93 23.04 3.04
CA PRO A 38 12.19 23.43 1.66
C PRO A 38 13.09 22.44 0.90
N LYS A 39 14.10 21.86 1.54
CA LYS A 39 15.02 20.89 0.88
C LYS A 39 14.21 19.67 0.36
N ASN A 40 12.97 19.46 0.80
CA ASN A 40 12.27 18.17 0.48
C ASN A 40 11.16 18.39 -0.53
N LYS A 41 11.03 19.61 -1.06
CA LYS A 41 9.88 19.94 -1.92
C LYS A 41 9.84 19.00 -3.15
N ASN A 42 10.98 18.68 -3.75
CA ASN A 42 11.01 17.81 -4.96
C ASN A 42 10.92 16.32 -4.58
N ARG A 43 10.70 15.95 -3.30
CA ARG A 43 10.57 14.52 -2.85
C ARG A 43 9.10 14.18 -2.63
N ASN A 44 8.19 15.14 -2.82
CA ASN A 44 6.74 14.98 -2.56
C ASN A 44 5.99 15.11 -3.88
N ARG A 45 5.17 14.13 -4.20
CA ARG A 45 4.34 14.16 -5.41
C ARG A 45 3.19 15.15 -5.25
N TYR A 46 2.57 15.23 -4.07
CA TYR A 46 1.35 16.04 -3.80
C TYR A 46 1.58 16.89 -2.55
N ARG A 47 1.36 18.20 -2.67
CA ARG A 47 1.56 19.17 -1.57
C ARG A 47 0.72 18.81 -0.32
N ASP A 48 -0.44 18.18 -0.48
CA ASP A 48 -1.44 17.92 0.59
C ASP A 48 -1.34 16.46 1.13
N VAL A 49 -0.32 15.68 0.75
CA VAL A 49 -0.15 14.27 1.24
C VAL A 49 1.27 14.10 1.72
N SER A 50 1.44 14.03 3.05
CA SER A 50 2.72 13.96 3.74
C SER A 50 2.67 12.91 4.83
N PRO A 51 3.81 12.28 5.09
CA PRO A 51 3.94 11.34 6.20
C PRO A 51 4.05 12.11 7.54
N PHE A 52 3.40 11.63 8.61
CA PHE A 52 3.63 12.18 9.97
C PHE A 52 5.07 11.95 10.36
N ASP A 53 5.65 12.89 11.12
CA ASP A 53 7.01 12.74 11.68
C ASP A 53 7.12 11.48 12.54
N HIS A 54 6.11 11.08 13.31
CA HIS A 54 6.33 10.02 14.34
C HIS A 54 6.49 8.65 13.64
N SER A 55 5.87 8.48 12.47
CA SER A 55 5.73 7.16 11.76
C SER A 55 6.47 7.16 10.42
N ARG A 56 7.23 8.22 10.09
CA ARG A 56 7.87 8.26 8.73
C ARG A 56 9.02 7.25 8.67
N ILE A 57 9.24 6.65 7.49
CA ILE A 57 10.45 5.84 7.24
C ILE A 57 11.65 6.74 7.00
N LYS A 58 12.71 6.52 7.78
CA LYS A 58 14.02 7.16 7.59
C LYS A 58 14.97 6.35 6.69
N LEU A 59 15.50 7.01 5.66
CA LEU A 59 16.64 6.49 4.85
C LEU A 59 17.91 6.47 5.73
N HIS A 60 18.76 5.44 5.59
CA HIS A 60 20.02 5.28 6.36
C HIS A 60 21.10 6.09 5.64
N GLN A 61 21.00 7.41 5.67
CA GLN A 61 22.07 8.29 5.17
C GLN A 61 22.03 9.62 5.90
N GLU A 62 23.21 10.23 6.03
CA GLU A 62 23.45 11.44 6.87
C GLU A 62 23.03 12.68 6.07
N ASP A 63 23.22 12.64 4.75
CA ASP A 63 22.89 13.73 3.78
C ASP A 63 21.43 14.20 3.99
N ASN A 64 20.46 13.37 3.63
CA ASN A 64 19.01 13.68 3.75
C ASN A 64 18.27 12.36 3.91
N ASP A 65 17.67 12.12 5.06
CA ASP A 65 17.01 10.82 5.39
C ASP A 65 15.55 10.78 4.91
N TYR A 66 15.08 11.76 4.14
CA TYR A 66 13.61 11.89 3.91
C TYR A 66 13.12 11.07 2.69
N ILE A 67 12.00 10.34 2.89
CA ILE A 67 11.14 9.77 1.79
C ILE A 67 9.69 9.90 2.20
N ASN A 68 8.80 10.11 1.24
CA ASN A 68 7.35 10.14 1.49
C ASN A 68 6.83 8.71 1.66
N ALA A 69 6.92 8.17 2.88
CA ALA A 69 6.59 6.77 3.24
C ALA A 69 6.33 6.68 4.76
N SER A 70 5.38 5.85 5.14
CA SER A 70 4.92 5.70 6.56
C SER A 70 4.90 4.24 6.98
N LEU A 71 5.24 3.93 8.25
CA LEU A 71 5.10 2.58 8.80
C LEU A 71 3.76 2.42 9.47
N ILE A 72 2.86 1.55 8.98
CA ILE A 72 1.53 1.30 9.58
C ILE A 72 1.69 0.02 10.43
N LYS A 73 1.72 0.13 11.78
CA LYS A 73 1.98 -1.06 12.65
C LYS A 73 0.70 -1.50 13.35
N MET A 74 0.12 -2.64 12.99
CA MET A 74 -1.21 -3.07 13.48
C MET A 74 -0.98 -4.09 14.61
N GLU A 75 -1.07 -3.62 15.84
CA GLU A 75 -0.56 -4.38 17.03
C GLU A 75 -1.36 -5.68 17.24
N GLU A 76 -2.70 -5.61 17.27
CA GLU A 76 -3.54 -6.83 17.50
C GLU A 76 -3.42 -7.82 16.35
N ALA A 77 -3.44 -7.33 15.10
CA ALA A 77 -3.37 -8.20 13.92
C ALA A 77 -1.97 -8.78 13.78
N GLN A 78 -0.94 -8.13 14.36
CA GLN A 78 0.48 -8.52 14.19
C GLN A 78 0.83 -8.48 12.69
N ARG A 79 0.44 -7.38 12.00
CA ARG A 79 0.89 -7.07 10.62
C ARG A 79 1.44 -5.66 10.57
N SER A 80 2.48 -5.45 9.78
CA SER A 80 3.05 -4.09 9.48
C SER A 80 3.02 -3.88 7.97
N TYR A 81 2.80 -2.63 7.54
CA TYR A 81 2.87 -2.26 6.09
C TYR A 81 3.64 -0.96 5.97
N ILE A 82 4.42 -0.77 4.90
CA ILE A 82 4.91 0.57 4.53
C ILE A 82 4.02 1.07 3.40
N LEU A 83 3.35 2.20 3.62
CA LEU A 83 2.59 2.88 2.54
C LEU A 83 3.39 4.07 2.02
N THR A 84 3.51 4.19 0.69
CA THR A 84 4.36 5.21 0.05
C THR A 84 3.70 5.71 -1.26
N GLN A 85 4.10 6.90 -1.66
CA GLN A 85 3.67 7.49 -2.96
C GLN A 85 4.29 6.64 -4.10
N GLY A 86 3.72 6.75 -5.31
CA GLY A 86 4.43 6.31 -6.53
C GLY A 86 5.74 7.07 -6.65
N PRO A 87 6.88 6.41 -6.87
CA PRO A 87 8.16 7.09 -6.96
C PRO A 87 8.17 8.16 -8.09
N LEU A 88 8.94 9.21 -7.84
CA LEU A 88 9.19 10.33 -8.79
C LEU A 88 10.53 10.08 -9.47
N PRO A 89 10.78 10.74 -10.62
CA PRO A 89 12.03 10.56 -11.35
C PRO A 89 13.27 10.74 -10.48
N ASN A 90 13.21 11.68 -9.53
CA ASN A 90 14.36 11.97 -8.63
C ASN A 90 14.35 11.06 -7.40
N THR A 91 13.28 10.31 -7.11
CA THR A 91 13.22 9.42 -5.89
C THR A 91 13.20 7.91 -6.17
N VAL A 92 13.53 7.46 -7.40
CA VAL A 92 13.49 6.00 -7.67
C VAL A 92 14.64 5.33 -6.91
N GLY A 93 15.81 5.98 -6.81
CA GLY A 93 16.91 5.42 -6.03
C GLY A 93 16.60 5.36 -4.54
N HIS A 94 15.97 6.41 -3.96
CA HIS A 94 15.50 6.41 -2.54
C HIS A 94 14.53 5.23 -2.31
N PHE A 95 13.60 5.02 -3.25
CA PHE A 95 12.58 3.94 -3.16
C PHE A 95 13.28 2.60 -2.94
N TRP A 96 14.26 2.26 -3.81
CA TRP A 96 14.90 0.94 -3.73
C TRP A 96 15.85 0.87 -2.52
N GLU A 97 16.45 1.97 -2.12
CA GLU A 97 17.23 2.06 -0.84
C GLU A 97 16.33 1.62 0.33
N MET A 98 15.11 2.15 0.38
CA MET A 98 14.13 1.84 1.47
C MET A 98 13.80 0.35 1.45
N VAL A 99 13.48 -0.21 0.28
CA VAL A 99 13.16 -1.66 0.20
C VAL A 99 14.33 -2.46 0.77
N TRP A 100 15.55 -2.09 0.41
CA TRP A 100 16.79 -2.79 0.85
C TRP A 100 16.94 -2.68 2.37
N GLU A 101 16.89 -1.44 2.88
CA GLU A 101 17.17 -1.17 4.31
C GLU A 101 16.09 -1.76 5.20
N GLN A 102 14.83 -1.83 4.77
CA GLN A 102 13.71 -2.31 5.59
C GLN A 102 13.52 -3.84 5.46
N LYS A 103 14.28 -4.48 4.59
CA LYS A 103 14.31 -5.97 4.38
C LYS A 103 13.00 -6.50 3.82
N SER A 104 12.29 -5.68 3.05
CA SER A 104 11.00 -6.04 2.46
C SER A 104 11.21 -7.18 1.43
N ARG A 105 10.21 -8.03 1.23
CA ARG A 105 10.25 -9.14 0.23
C ARG A 105 9.24 -8.89 -0.90
N GLY A 106 8.25 -8.02 -0.69
CA GLY A 106 7.22 -7.74 -1.70
C GLY A 106 7.06 -6.25 -1.90
N VAL A 107 6.74 -5.86 -3.13
CA VAL A 107 6.23 -4.48 -3.51
C VAL A 107 4.87 -4.71 -4.14
N VAL A 108 3.85 -4.01 -3.68
CA VAL A 108 2.47 -4.08 -4.20
C VAL A 108 2.14 -2.74 -4.87
N MET A 109 1.86 -2.76 -6.18
CA MET A 109 1.57 -1.57 -7.01
C MET A 109 0.13 -1.64 -7.47
N LEU A 110 -0.71 -0.61 -7.15
CA LEU A 110 -2.15 -0.67 -7.43
C LEU A 110 -2.53 0.32 -8.55
N ASN A 111 -1.56 0.91 -9.23
CA ASN A 111 -1.85 1.90 -10.30
C ASN A 111 -1.10 1.52 -11.58
N ARG A 112 -1.49 2.14 -12.70
CA ARG A 112 -0.71 2.09 -13.96
C ARG A 112 0.18 3.32 -13.98
N VAL A 113 1.31 3.24 -14.71
CA VAL A 113 2.29 4.33 -14.85
C VAL A 113 1.58 5.54 -15.51
N MET A 114 0.68 5.29 -16.46
CA MET A 114 -0.13 6.37 -17.05
C MET A 114 -1.62 6.07 -16.80
N GLU A 115 -2.30 7.09 -16.26
CA GLU A 115 -3.79 7.26 -16.15
C GLU A 115 -4.09 8.74 -16.38
N LYS A 116 -5.10 9.08 -17.19
CA LYS A 116 -5.47 10.48 -17.54
C LYS A 116 -4.29 11.22 -18.19
N GLY A 117 -3.51 10.56 -19.04
CA GLY A 117 -2.43 11.16 -19.85
C GLY A 117 -1.39 11.91 -19.02
N SER A 118 -1.44 11.78 -17.68
CA SER A 118 -0.38 12.28 -16.76
C SER A 118 0.33 11.08 -16.14
N LEU A 119 1.64 11.17 -15.91
CA LEU A 119 2.41 10.06 -15.31
C LEU A 119 2.05 9.99 -13.82
N LYS A 120 1.36 8.92 -13.40
CA LYS A 120 1.01 8.72 -11.96
C LYS A 120 2.20 8.18 -11.17
N CYS A 121 3.23 7.67 -11.86
CA CYS A 121 4.52 7.29 -11.22
C CYS A 121 5.59 6.93 -12.25
N ALA A 122 6.83 7.00 -11.84
CA ALA A 122 8.01 6.77 -12.69
C ALA A 122 8.06 5.29 -13.10
N GLN A 123 8.70 4.99 -14.23
CA GLN A 123 8.95 3.59 -14.66
C GLN A 123 10.15 3.13 -13.84
N TYR A 124 9.94 2.54 -12.64
CA TYR A 124 10.97 2.39 -11.61
C TYR A 124 11.55 0.96 -11.59
N TRP A 125 11.08 0.07 -12.50
CA TRP A 125 11.58 -1.33 -12.58
C TRP A 125 11.88 -1.61 -14.07
N PRO A 126 12.81 -2.56 -14.37
CA PRO A 126 13.19 -2.88 -15.76
C PRO A 126 12.13 -3.73 -16.47
N GLN A 127 11.93 -3.43 -17.76
CA GLN A 127 10.88 -4.07 -18.61
C GLN A 127 11.46 -5.25 -19.42
N LYS A 128 12.75 -5.34 -19.54
CA LYS A 128 13.42 -6.45 -20.26
C LYS A 128 14.57 -7.01 -19.44
N GLU A 129 14.68 -8.34 -19.40
CA GLU A 129 15.77 -9.07 -18.70
C GLU A 129 17.13 -8.43 -19.02
N GLU A 130 17.46 -8.28 -20.31
CA GLU A 130 18.84 -7.86 -20.72
C GLU A 130 19.09 -6.35 -20.54
N LYS A 131 18.13 -5.61 -19.99
CA LYS A 131 18.33 -4.14 -19.78
C LYS A 131 18.11 -3.79 -18.29
N GLU A 132 19.09 -4.09 -17.45
CA GLU A 132 19.00 -3.88 -16.00
C GLU A 132 19.09 -2.37 -15.70
N MET A 133 18.78 -1.96 -14.47
CA MET A 133 18.76 -0.54 -14.06
C MET A 133 19.81 -0.39 -12.98
N ILE A 134 20.60 0.68 -13.06
CA ILE A 134 21.57 1.04 -12.00
C ILE A 134 21.14 2.41 -11.44
N PHE A 135 21.10 2.49 -10.11
CA PHE A 135 20.70 3.70 -9.33
C PHE A 135 21.98 4.24 -8.72
N GLU A 136 22.61 5.24 -9.35
CA GLU A 136 24.02 5.62 -9.02
C GLU A 136 24.03 6.31 -7.66
N ASP A 137 23.00 7.13 -7.39
CA ASP A 137 22.84 7.91 -6.13
C ASP A 137 22.82 6.96 -4.89
N THR A 138 22.22 5.76 -4.96
CA THR A 138 22.12 4.82 -3.80
C THR A 138 22.95 3.52 -3.98
N ASN A 139 23.68 3.39 -5.09
CA ASN A 139 24.57 2.21 -5.34
C ASN A 139 23.80 0.88 -5.35
N LEU A 140 22.69 0.80 -6.11
CA LEU A 140 21.88 -0.43 -6.27
C LEU A 140 21.78 -0.83 -7.75
N LYS A 141 21.64 -2.13 -8.01
CA LYS A 141 21.32 -2.67 -9.35
C LYS A 141 20.06 -3.54 -9.27
N LEU A 142 19.20 -3.38 -10.25
CA LEU A 142 17.89 -4.04 -10.28
C LEU A 142 17.74 -4.74 -11.65
N THR A 143 17.47 -6.02 -11.63
CA THR A 143 17.33 -6.86 -12.86
C THR A 143 16.01 -7.59 -12.86
N LEU A 144 15.31 -7.59 -14.00
CA LEU A 144 14.12 -8.45 -14.23
C LEU A 144 14.60 -9.89 -14.48
N ILE A 145 14.11 -10.83 -13.67
CA ILE A 145 14.45 -12.28 -13.76
C ILE A 145 13.32 -13.04 -14.45
N SER A 146 12.06 -12.61 -14.30
CA SER A 146 10.87 -13.34 -14.82
C SER A 146 9.58 -12.54 -14.60
N GLU A 147 8.60 -12.70 -15.50
CA GLU A 147 7.32 -11.93 -15.49
C GLU A 147 6.20 -12.93 -15.78
N ASP A 148 5.09 -12.88 -15.05
CA ASP A 148 3.86 -13.71 -15.25
C ASP A 148 2.66 -12.76 -15.40
N ILE A 149 2.11 -12.64 -16.62
CA ILE A 149 1.00 -11.70 -16.96
C ILE A 149 -0.33 -12.47 -16.95
N LYS A 150 -1.29 -11.97 -16.17
CA LYS A 150 -2.72 -12.36 -16.18
C LYS A 150 -3.50 -11.15 -16.70
N SER A 151 -4.83 -11.25 -16.79
CA SER A 151 -5.71 -10.27 -17.48
C SER A 151 -5.68 -8.89 -16.79
N TYR A 152 -5.80 -8.84 -15.46
CA TYR A 152 -5.96 -7.58 -14.69
C TYR A 152 -4.81 -7.37 -13.69
N TYR A 153 -3.83 -8.28 -13.63
CA TYR A 153 -2.63 -8.15 -12.77
C TYR A 153 -1.48 -8.99 -13.34
N THR A 154 -0.25 -8.61 -12.96
CA THR A 154 1.03 -9.25 -13.39
C THR A 154 1.90 -9.41 -12.14
N VAL A 155 2.66 -10.51 -12.04
CA VAL A 155 3.69 -10.70 -10.98
C VAL A 155 5.06 -10.77 -11.65
N ARG A 156 6.07 -10.14 -11.03
CA ARG A 156 7.46 -10.12 -11.50
C ARG A 156 8.41 -10.56 -10.41
N GLN A 157 9.44 -11.30 -10.82
CA GLN A 157 10.56 -11.70 -9.94
C GLN A 157 11.76 -10.82 -10.27
N LEU A 158 12.22 -10.00 -9.30
CA LEU A 158 13.30 -9.00 -9.48
C LEU A 158 14.48 -9.41 -8.61
N GLU A 159 15.68 -9.02 -9.03
CA GLU A 159 16.90 -9.24 -8.24
C GLU A 159 17.46 -7.86 -7.88
N LEU A 160 17.58 -7.58 -6.58
CA LEU A 160 18.16 -6.30 -6.11
C LEU A 160 19.55 -6.59 -5.55
N GLU A 161 20.57 -5.90 -6.06
CA GLU A 161 21.97 -6.05 -5.60
C GLU A 161 22.43 -4.76 -4.96
N ASN A 162 22.93 -4.89 -3.74
CA ASN A 162 23.68 -3.82 -3.05
C ASN A 162 25.10 -3.80 -3.63
N LEU A 163 25.41 -2.83 -4.51
CA LEU A 163 26.67 -2.83 -5.30
C LEU A 163 27.83 -2.60 -4.34
N THR A 164 27.55 -2.10 -3.14
CA THR A 164 28.56 -1.81 -2.10
C THR A 164 29.12 -3.12 -1.54
N THR A 165 28.28 -4.13 -1.32
CA THR A 165 28.62 -5.40 -0.61
C THR A 165 28.48 -6.62 -1.52
N GLN A 166 27.80 -6.48 -2.66
CA GLN A 166 27.54 -7.56 -3.61
C GLN A 166 26.58 -8.60 -2.99
N GLU A 167 25.87 -8.29 -1.90
CA GLU A 167 24.70 -9.09 -1.51
C GLU A 167 23.58 -8.88 -2.54
N THR A 168 22.75 -9.90 -2.74
CA THR A 168 21.57 -9.89 -3.64
C THR A 168 20.37 -10.45 -2.89
N ARG A 169 19.18 -9.99 -3.25
CA ARG A 169 17.92 -10.55 -2.70
C ARG A 169 16.89 -10.60 -3.81
N GLU A 170 15.97 -11.56 -3.69
CA GLU A 170 14.79 -11.72 -4.57
C GLU A 170 13.65 -10.83 -4.05
N ILE A 171 13.20 -9.86 -4.85
CA ILE A 171 11.97 -9.05 -4.52
C ILE A 171 10.82 -9.49 -5.44
N LEU A 172 9.63 -9.72 -4.92
CA LEU A 172 8.44 -10.02 -5.74
C LEU A 172 7.64 -8.72 -5.96
N HIS A 173 7.32 -8.41 -7.20
CA HIS A 173 6.48 -7.24 -7.61
C HIS A 173 5.09 -7.72 -7.99
N PHE A 174 4.06 -7.35 -7.22
CA PHE A 174 2.64 -7.67 -7.49
C PHE A 174 1.94 -6.42 -8.01
N HIS A 175 1.57 -6.43 -9.30
CA HIS A 175 1.05 -5.25 -10.02
C HIS A 175 -0.39 -5.50 -10.40
N TYR A 176 -1.32 -4.90 -9.65
CA TYR A 176 -2.76 -4.90 -9.95
C TYR A 176 -2.99 -3.90 -11.08
N THR A 177 -3.38 -4.38 -12.27
CA THR A 177 -3.32 -3.57 -13.50
C THR A 177 -4.67 -3.04 -13.99
N THR A 178 -5.80 -3.23 -13.27
CA THR A 178 -7.11 -2.69 -13.74
C THR A 178 -7.90 -2.00 -12.62
N TRP A 179 -7.31 -1.02 -11.93
CA TRP A 179 -7.96 -0.20 -10.87
C TRP A 179 -7.93 1.29 -11.22
N PRO A 180 -9.07 1.85 -11.69
CA PRO A 180 -9.17 3.28 -12.04
C PRO A 180 -8.70 4.32 -11.00
N ASP A 181 -8.22 5.48 -11.49
CA ASP A 181 -7.71 6.62 -10.67
C ASP A 181 -8.83 7.19 -9.82
N PHE A 182 -8.68 7.14 -8.49
CA PHE A 182 -9.69 7.54 -7.47
C PHE A 182 -10.98 6.76 -7.70
N GLY A 183 -10.87 5.48 -8.12
CA GLY A 183 -12.01 4.58 -8.38
C GLY A 183 -11.95 3.32 -7.52
N VAL A 184 -12.61 2.26 -7.97
CA VAL A 184 -12.78 0.97 -7.22
C VAL A 184 -12.64 -0.19 -8.19
N PRO A 185 -12.20 -1.39 -7.74
CA PRO A 185 -12.03 -2.54 -8.62
C PRO A 185 -13.35 -2.99 -9.28
N GLU A 186 -13.25 -3.66 -10.43
CA GLU A 186 -14.38 -4.14 -11.25
C GLU A 186 -15.32 -5.01 -10.39
N SER A 187 -14.78 -5.73 -9.41
CA SER A 187 -15.51 -6.73 -8.59
C SER A 187 -14.69 -7.08 -7.36
N PRO A 188 -15.35 -7.35 -6.20
CA PRO A 188 -14.64 -7.79 -5.00
C PRO A 188 -13.77 -8.99 -5.39
N ALA A 189 -14.24 -9.82 -6.34
CA ALA A 189 -13.60 -11.08 -6.75
C ALA A 189 -12.17 -10.84 -7.20
N SER A 190 -11.90 -9.89 -8.12
CA SER A 190 -10.53 -9.79 -8.69
C SER A 190 -9.55 -9.22 -7.64
N PHE A 191 -10.01 -8.22 -6.90
CA PHE A 191 -9.25 -7.59 -5.78
C PHE A 191 -8.80 -8.68 -4.80
N LEU A 192 -9.77 -9.41 -4.25
CA LEU A 192 -9.52 -10.49 -3.22
C LEU A 192 -8.60 -11.58 -3.78
N ASN A 193 -8.86 -12.04 -5.00
CA ASN A 193 -7.94 -13.00 -5.66
C ASN A 193 -6.50 -12.47 -5.59
N PHE A 194 -6.32 -11.22 -6.03
CA PHE A 194 -5.00 -10.54 -6.04
C PHE A 194 -4.43 -10.54 -4.61
N LEU A 195 -5.27 -10.17 -3.64
CA LEU A 195 -4.85 -10.12 -2.21
C LEU A 195 -4.35 -11.51 -1.80
N PHE A 196 -5.11 -12.56 -2.13
CA PHE A 196 -4.80 -13.94 -1.70
C PHE A 196 -3.51 -14.44 -2.39
N LYS A 197 -3.07 -13.79 -3.46
CA LYS A 197 -1.79 -14.11 -4.16
C LYS A 197 -0.62 -13.50 -3.39
N VAL A 198 -0.75 -12.24 -2.98
CA VAL A 198 0.33 -11.57 -2.22
C VAL A 198 0.57 -12.41 -0.92
N ARG A 199 -0.52 -12.85 -0.29
CA ARG A 199 -0.52 -13.58 1.02
C ARG A 199 0.18 -14.94 0.87
N GLU A 200 -0.07 -15.61 -0.26
CA GLU A 200 0.52 -16.93 -0.58
C GLU A 200 2.03 -16.83 -0.81
N SER A 201 2.53 -15.71 -1.31
CA SER A 201 3.96 -15.48 -1.63
C SER A 201 4.87 -15.44 -0.40
N GLY A 202 4.35 -15.29 0.82
CA GLY A 202 5.19 -15.02 2.00
C GLY A 202 5.48 -13.55 2.23
N SER A 203 5.09 -12.66 1.32
CA SER A 203 5.51 -11.24 1.35
C SER A 203 4.98 -10.52 2.60
N LEU A 204 3.87 -10.99 3.19
CA LEU A 204 3.20 -10.28 4.35
C LEU A 204 3.63 -10.89 5.68
N SER A 205 4.49 -11.90 5.64
CA SER A 205 4.77 -12.70 6.83
C SER A 205 5.85 -12.08 7.73
N PRO A 206 5.78 -12.33 9.06
CA PRO A 206 6.67 -11.66 10.00
C PRO A 206 8.15 -12.05 9.88
N GLU A 207 8.50 -13.07 9.10
CA GLU A 207 9.94 -13.40 8.87
C GLU A 207 10.58 -12.35 7.95
N HIS A 208 9.82 -11.56 7.21
CA HIS A 208 10.36 -10.50 6.31
C HIS A 208 10.11 -9.09 6.93
N GLY A 209 10.80 -8.09 6.42
CA GLY A 209 10.41 -6.69 6.62
C GLY A 209 9.01 -6.43 6.09
N PRO A 210 8.43 -5.26 6.43
CA PRO A 210 7.07 -4.92 6.00
C PRO A 210 7.01 -4.84 4.44
N VAL A 211 5.92 -5.35 3.90
CA VAL A 211 5.50 -5.15 2.48
C VAL A 211 5.47 -3.65 2.16
N VAL A 212 6.00 -3.25 0.99
CA VAL A 212 5.86 -1.85 0.48
C VAL A 212 4.62 -1.76 -0.37
N VAL A 213 3.65 -0.90 -0.04
CA VAL A 213 2.43 -0.75 -0.86
C VAL A 213 2.29 0.68 -1.40
N HIS A 214 2.03 0.84 -2.71
CA HIS A 214 1.84 2.18 -3.30
C HIS A 214 0.73 2.22 -4.34
N CYS A 215 0.21 3.44 -4.51
CA CYS A 215 -0.60 3.82 -5.70
C CYS A 215 0.01 5.11 -6.22
N SER A 216 -0.78 6.12 -6.61
CA SER A 216 -0.15 7.42 -6.91
C SER A 216 0.19 8.19 -5.62
N ALA A 217 -0.77 8.47 -4.74
CA ALA A 217 -0.47 9.24 -3.50
C ALA A 217 -0.13 8.30 -2.32
N GLY A 218 -0.42 7.01 -2.44
CA GLY A 218 -0.23 6.04 -1.33
C GLY A 218 -1.25 6.19 -0.20
N ILE A 219 -2.47 6.60 -0.49
CA ILE A 219 -3.51 6.69 0.60
C ILE A 219 -4.82 6.04 0.22
N GLY A 220 -5.24 6.13 -1.04
CA GLY A 220 -6.58 5.69 -1.48
C GLY A 220 -6.69 4.18 -1.73
N ARG A 221 -6.24 3.76 -2.91
CA ARG A 221 -6.20 2.33 -3.29
C ARG A 221 -5.31 1.58 -2.27
N SER A 222 -4.18 2.18 -1.87
CA SER A 222 -3.23 1.58 -0.89
C SER A 222 -3.96 1.36 0.46
N GLY A 223 -4.74 2.37 0.88
CA GLY A 223 -5.57 2.28 2.09
C GLY A 223 -6.53 1.09 2.05
N THR A 224 -7.16 0.88 0.89
CA THR A 224 -8.16 -0.19 0.70
C THR A 224 -7.51 -1.56 0.85
N PHE A 225 -6.31 -1.74 0.31
CA PHE A 225 -5.56 -3.01 0.37
C PHE A 225 -5.26 -3.35 1.85
N CYS A 226 -4.66 -2.42 2.60
CA CYS A 226 -4.19 -2.79 3.98
C CYS A 226 -5.41 -2.92 4.91
N LEU A 227 -6.44 -2.14 4.72
CA LEU A 227 -7.69 -2.19 5.55
C LEU A 227 -8.38 -3.55 5.37
N ALA A 228 -8.51 -4.00 4.12
CA ALA A 228 -9.17 -5.29 3.84
C ALA A 228 -8.31 -6.41 4.43
N ASP A 229 -7.00 -6.44 4.20
CA ASP A 229 -6.10 -7.49 4.74
C ASP A 229 -6.21 -7.57 6.30
N THR A 230 -6.07 -6.45 7.00
CA THR A 230 -6.08 -6.40 8.49
C THR A 230 -7.44 -6.88 9.00
N CYS A 231 -8.54 -6.41 8.46
CA CYS A 231 -9.92 -6.80 8.92
C CYS A 231 -10.11 -8.31 8.77
N LEU A 232 -9.72 -8.90 7.64
CA LEU A 232 -9.85 -10.36 7.44
C LEU A 232 -8.96 -11.15 8.42
N LEU A 233 -7.74 -10.64 8.66
CA LEU A 233 -6.77 -11.26 9.59
C LEU A 233 -7.37 -11.25 11.01
N LEU A 234 -7.91 -10.11 11.45
CA LEU A 234 -8.57 -10.00 12.78
C LEU A 234 -9.68 -11.05 12.89
N MET A 235 -10.51 -11.20 11.86
CA MET A 235 -11.56 -12.25 11.81
C MET A 235 -10.90 -13.60 12.12
N ASP A 236 -9.77 -13.86 11.46
CA ASP A 236 -9.01 -15.13 11.48
C ASP A 236 -8.55 -15.41 12.92
N LYS A 237 -7.98 -14.40 13.58
CA LYS A 237 -7.32 -14.55 14.91
C LYS A 237 -8.39 -14.90 15.94
N ARG A 238 -9.58 -14.30 15.81
CA ARG A 238 -10.70 -14.51 16.76
C ARG A 238 -11.75 -15.43 16.15
N LYS A 239 -11.53 -15.91 14.92
CA LYS A 239 -12.52 -16.68 14.12
C LYS A 239 -13.94 -16.24 14.51
N ASP A 240 -14.26 -14.96 14.27
CA ASP A 240 -15.49 -14.28 14.75
C ASP A 240 -15.65 -12.98 13.97
N PRO A 241 -16.20 -13.02 12.74
CA PRO A 241 -16.35 -11.82 11.91
C PRO A 241 -17.18 -10.76 12.67
N SER A 242 -18.08 -11.23 13.54
CA SER A 242 -19.00 -10.38 14.34
C SER A 242 -18.19 -9.33 15.13
N SER A 243 -16.95 -9.64 15.53
CA SER A 243 -16.13 -8.83 16.46
C SER A 243 -15.44 -7.66 15.77
N VAL A 244 -15.46 -7.56 14.43
CA VAL A 244 -14.60 -6.61 13.67
C VAL A 244 -15.38 -5.31 13.40
N ASP A 245 -14.82 -4.14 13.72
CA ASP A 245 -15.45 -2.84 13.40
C ASP A 245 -14.58 -2.11 12.36
N ILE A 246 -14.97 -2.16 11.09
CA ILE A 246 -14.08 -1.69 9.99
C ILE A 246 -13.73 -0.20 10.20
N LYS A 247 -14.69 0.61 10.66
CA LYS A 247 -14.51 2.06 10.87
C LYS A 247 -13.46 2.27 11.96
N LYS A 248 -13.49 1.47 13.03
CA LYS A 248 -12.48 1.61 14.11
C LYS A 248 -11.10 1.15 13.65
N VAL A 249 -11.02 0.12 12.82
CA VAL A 249 -9.70 -0.31 12.25
C VAL A 249 -9.16 0.82 11.39
N LEU A 250 -9.98 1.43 10.55
CA LEU A 250 -9.54 2.55 9.65
C LEU A 250 -9.01 3.72 10.50
N LEU A 251 -9.72 4.11 11.55
CA LEU A 251 -9.20 5.23 12.38
C LEU A 251 -7.88 4.87 13.04
N GLU A 252 -7.70 3.63 13.48
CA GLU A 252 -6.41 3.17 14.03
C GLU A 252 -5.33 3.34 12.94
N MET A 253 -5.60 2.86 11.72
CA MET A 253 -4.58 3.00 10.64
C MET A 253 -4.28 4.48 10.34
N ARG A 254 -5.27 5.36 10.43
CA ARG A 254 -5.08 6.82 10.18
C ARG A 254 -4.26 7.48 11.30
N LYS A 255 -3.93 6.79 12.39
CA LYS A 255 -2.96 7.34 13.37
C LYS A 255 -1.56 7.32 12.72
N PHE A 256 -1.31 6.50 11.66
CA PHE A 256 0.06 6.31 11.13
C PHE A 256 0.29 6.98 9.75
N ARG A 257 -0.77 7.24 8.99
CA ARG A 257 -0.71 7.97 7.71
C ARG A 257 -2.06 8.63 7.47
N MET A 258 -2.00 9.92 7.05
CA MET A 258 -3.19 10.74 6.80
C MET A 258 -3.95 10.25 5.57
N GLY A 259 -5.28 10.45 5.58
CA GLY A 259 -6.10 10.41 4.34
C GLY A 259 -6.44 9.02 3.80
N LEU A 260 -6.15 7.94 4.53
CA LEU A 260 -6.36 6.55 4.03
C LEU A 260 -7.84 6.35 3.72
N ILE A 261 -8.14 5.91 2.51
CA ILE A 261 -9.49 5.80 1.89
C ILE A 261 -9.88 7.25 1.53
N GLN A 262 -9.91 7.54 0.22
CA GLN A 262 -10.00 8.94 -0.31
C GLN A 262 -11.44 9.32 -0.68
N THR A 263 -12.36 8.36 -0.75
CA THR A 263 -13.76 8.62 -1.21
C THR A 263 -14.75 7.72 -0.47
N ALA A 264 -16.02 8.14 -0.44
CA ALA A 264 -17.10 7.33 0.11
C ALA A 264 -17.25 6.01 -0.67
N ASP A 265 -16.99 6.00 -1.98
CA ASP A 265 -17.08 4.74 -2.78
C ASP A 265 -15.96 3.78 -2.37
N GLN A 266 -14.74 4.29 -2.14
CA GLN A 266 -13.62 3.43 -1.65
C GLN A 266 -14.01 2.82 -0.29
N LEU A 267 -14.69 3.58 0.58
CA LEU A 267 -15.15 3.03 1.90
C LEU A 267 -16.17 1.93 1.65
N ARG A 268 -17.17 2.17 0.79
CA ARG A 268 -18.19 1.13 0.47
C ARG A 268 -17.53 -0.13 -0.10
N PHE A 269 -16.59 0.01 -1.04
CA PHE A 269 -15.88 -1.15 -1.64
C PHE A 269 -15.13 -1.93 -0.54
N SER A 270 -14.48 -1.22 0.39
CA SER A 270 -13.70 -1.88 1.47
C SER A 270 -14.65 -2.80 2.24
N TYR A 271 -15.84 -2.32 2.59
CA TYR A 271 -16.87 -3.14 3.26
C TYR A 271 -17.21 -4.36 2.40
N LEU A 272 -17.43 -4.15 1.10
CA LEU A 272 -17.86 -5.26 0.21
C LEU A 272 -16.78 -6.31 0.19
N ALA A 273 -15.51 -5.90 0.07
CA ALA A 273 -14.38 -6.86 -0.04
C ALA A 273 -14.27 -7.69 1.25
N VAL A 274 -14.38 -7.06 2.42
CA VAL A 274 -14.27 -7.77 3.72
C VAL A 274 -15.45 -8.74 3.87
N ILE A 275 -16.66 -8.31 3.52
CA ILE A 275 -17.87 -9.18 3.65
C ILE A 275 -17.72 -10.41 2.74
N GLU A 276 -17.31 -10.22 1.49
CA GLU A 276 -17.15 -11.36 0.53
C GLU A 276 -15.94 -12.21 0.93
N GLY A 277 -14.86 -11.61 1.45
CA GLY A 277 -13.66 -12.37 1.81
C GLY A 277 -13.92 -13.26 3.04
N ALA A 278 -14.77 -12.80 3.96
CA ALA A 278 -15.08 -13.53 5.20
C ALA A 278 -15.68 -14.89 4.84
N LYS A 279 -16.38 -14.99 3.71
CA LYS A 279 -17.01 -16.25 3.25
C LYS A 279 -15.94 -17.32 2.92
N PHE A 280 -14.65 -16.94 2.96
CA PHE A 280 -13.50 -17.88 2.85
C PHE A 280 -12.92 -18.19 4.23
N ILE A 281 -12.66 -17.17 5.05
CA ILE A 281 -11.98 -17.29 6.37
C ILE A 281 -12.75 -18.28 7.26
N MET A 282 -14.08 -18.10 7.39
CA MET A 282 -14.92 -18.89 8.32
C MET A 282 -15.11 -20.32 7.80
N GLY A 283 -14.37 -20.73 6.75
CA GLY A 283 -14.22 -22.17 6.41
C GLY A 283 -14.73 -22.64 5.05
N ASP A 284 -15.16 -21.75 4.18
CA ASP A 284 -15.68 -22.19 2.86
C ASP A 284 -14.49 -22.33 1.89
C TRS B . 6.22 5.44 17.43
C1 TRS B . 5.05 6.06 16.65
C2 TRS B . 5.77 4.47 18.53
C3 TRS B . 7.04 6.54 18.04
N TRS B . 7.17 4.73 16.48
O1 TRS B . 4.75 5.33 15.46
O2 TRS B . 4.51 3.87 18.22
O3 TRS B . 7.47 7.54 17.06
H11 TRS B . 5.29 6.98 16.40
H12 TRS B . 4.26 6.10 17.22
H21 TRS B . 5.70 4.95 19.38
H22 TRS B . 6.44 3.76 18.62
H31 TRS B . 7.83 6.16 18.48
H32 TRS B . 6.51 6.99 18.74
HN1 TRS B . 8.04 4.90 16.69
HN2 TRS B . 7.03 5.02 15.63
HN3 TRS B . 7.04 3.84 16.50
HO1 TRS B . 4.08 5.58 14.93
HO2 TRS B . 4.04 3.36 18.44
HO3 TRS B . 7.71 7.13 16.35
N1 WZY C . 9.17 -17.23 -6.47
C4 WZY C . 7.15 -15.09 -8.78
C5 WZY C . 7.71 -15.60 -7.64
C6 WZY C . 8.55 -16.70 -7.68
C7 WZY C . 7.51 -13.89 -11.57
C8 WZY C . 8.61 -17.32 -5.24
C1 WZY C . 8.82 -17.26 -8.95
C2 WZY C . 8.25 -16.75 -10.11
C3 WZY C . 7.38 -15.64 -10.02
C9 WZY C . 7.12 -16.83 -4.96
N2 WZY C . 6.61 -17.33 -3.64
O1 WZY C . 6.82 -15.08 -11.12
O2 WZY C . 9.18 -17.77 -4.27
H8 WZY C . 10.12 -17.56 -6.59
H3 WZY C . 6.51 -14.23 -8.69
H4 WZY C . 7.48 -15.12 -6.71
H7 WZY C . 7.31 -12.99 -10.96
H5 WZY C . 7.18 -13.65 -12.62
H6 WZY C . 8.60 -14.04 -11.67
H1 WZY C . 9.47 -18.13 -9.08
H2 WZY C . 8.46 -17.20 -11.08
H10 WZY C . 6.39 -17.12 -5.73
H9 WZY C . 7.11 -15.72 -4.87
H12 WZY C . 6.95 -18.29 -3.43
H13 WZY C . 5.58 -17.38 -3.66
H133 WZY C . 6.89 -16.71 -2.87
#